data_4QUF
#
_entry.id   4QUF
#
_cell.length_a   42.317
_cell.length_b   79.932
_cell.length_c   81.181
_cell.angle_alpha   90.00
_cell.angle_beta   96.41
_cell.angle_gamma   90.00
#
_symmetry.space_group_name_H-M   'P 1 21 1'
#
loop_
_entity.id
_entity.type
_entity.pdbx_description
1 polymer RE36324p
2 polymer 'H3(1-15)K9me3 peptide'
3 water water
#
loop_
_entity_poly.entity_id
_entity_poly.type
_entity_poly.pdbx_seq_one_letter_code
_entity_poly.pdbx_strand_id
1 'polypeptide(L)' SDHVEEYVVEKILGKRFVNGRPQVLVKWSGFPNENNTWEPLENVGNCMKLVSDFESEVFRLHRKAAAK A,B,C,D,E,F
2 'polypeptide(L)' ARTKQTAR(M3L)STGGKA P,Q,R,T,V,U
#
# COMPACT_ATOMS: atom_id res chain seq x y z
N GLU A 5 -5.98 16.95 -4.97
CA GLU A 5 -5.32 15.80 -4.33
C GLU A 5 -6.32 14.82 -3.70
N GLU A 6 -7.59 15.22 -3.62
CA GLU A 6 -8.65 14.30 -3.20
C GLU A 6 -9.58 14.02 -4.37
N TYR A 7 -10.04 12.78 -4.49
CA TYR A 7 -10.96 12.42 -5.56
C TYR A 7 -12.35 12.11 -4.99
N VAL A 8 -13.39 12.37 -5.77
CA VAL A 8 -14.76 12.13 -5.35
C VAL A 8 -15.02 10.65 -5.20
N VAL A 9 -15.55 10.25 -4.06
CA VAL A 9 -15.88 8.83 -3.86
C VAL A 9 -17.37 8.58 -4.00
N GLU A 10 -17.69 7.43 -4.55
CA GLU A 10 -19.06 7.13 -4.90
C GLU A 10 -19.59 6.17 -3.86
N LYS A 11 -18.75 5.24 -3.44
CA LYS A 11 -19.17 4.28 -2.44
C LYS A 11 -18.02 3.61 -1.65
N ILE A 12 -18.28 3.35 -0.37
CA ILE A 12 -17.39 2.55 0.44
C ILE A 12 -17.92 1.13 0.39
N LEU A 13 -17.06 0.16 0.14
CA LEU A 13 -17.49 -1.20 -0.16
C LEU A 13 -17.07 -2.27 0.84
N GLY A 14 -16.10 -1.97 1.69
CA GLY A 14 -15.58 -2.97 2.61
C GLY A 14 -14.64 -2.39 3.64
N LYS A 15 -14.36 -3.15 4.69
CA LYS A 15 -13.45 -2.72 5.75
C LYS A 15 -12.53 -3.90 6.07
N ARG A 16 -11.32 -3.60 6.53
CA ARG A 16 -10.39 -4.67 6.87
C ARG A 16 -9.23 -4.12 7.69
N PHE A 17 -8.37 -5.00 8.20
CA PHE A 17 -7.16 -4.55 8.84
C PHE A 17 -5.94 -5.11 8.13
N VAL A 18 -4.94 -4.26 7.91
CA VAL A 18 -3.69 -4.70 7.35
C VAL A 18 -2.61 -4.35 8.34
N ASN A 19 -1.86 -5.34 8.78
CA ASN A 19 -0.84 -5.13 9.80
C ASN A 19 -1.34 -4.31 10.96
N GLY A 20 -2.53 -4.64 11.44
CA GLY A 20 -3.10 -3.94 12.58
C GLY A 20 -3.84 -2.64 12.28
N ARG A 21 -3.77 -2.13 11.06
CA ARG A 21 -4.35 -0.81 10.79
C ARG A 21 -5.61 -0.90 9.92
N PRO A 22 -6.63 -0.09 10.26
CA PRO A 22 -7.90 -0.17 9.54
C PRO A 22 -7.85 0.48 8.17
N GLN A 23 -8.47 -0.18 7.20
CA GLN A 23 -8.61 0.31 5.83
C GLN A 23 -10.03 0.09 5.33
N VAL A 24 -10.46 0.94 4.41
CA VAL A 24 -11.75 0.76 3.72
C VAL A 24 -11.59 0.62 2.20
N LEU A 25 -12.53 -0.08 1.56
CA LEU A 25 -12.46 -0.30 0.11
C LEU A 25 -13.30 0.75 -0.60
N VAL A 26 -12.64 1.54 -1.44
CA VAL A 26 -13.22 2.72 -2.06
C VAL A 26 -13.55 2.53 -3.54
N LYS A 27 -14.80 2.79 -3.90
CA LYS A 27 -15.21 2.91 -5.29
C LYS A 27 -15.21 4.40 -5.64
N TRP A 28 -14.39 4.78 -6.60
CA TRP A 28 -14.28 6.20 -6.99
C TRP A 28 -15.33 6.62 -8.01
N SER A 29 -15.82 7.84 -7.88
CA SER A 29 -16.73 8.43 -8.85
C SER A 29 -16.02 8.64 -10.19
N GLY A 30 -16.68 8.24 -11.27
CA GLY A 30 -16.11 8.36 -12.60
C GLY A 30 -15.03 7.36 -12.90
N PHE A 31 -15.04 6.23 -12.19
CA PHE A 31 -14.08 5.15 -12.41
C PHE A 31 -14.80 3.83 -12.18
N PRO A 32 -14.50 2.81 -13.01
CA PRO A 32 -15.08 1.49 -12.82
C PRO A 32 -14.45 0.75 -11.63
N ASN A 33 -15.06 -0.37 -11.26
CA ASN A 33 -14.57 -1.16 -10.12
C ASN A 33 -13.11 -1.56 -10.19
N GLU A 34 -12.56 -1.75 -11.38
CA GLU A 34 -11.15 -2.14 -11.54
C GLU A 34 -10.20 -1.10 -10.94
N ASN A 35 -10.71 0.10 -10.68
CA ASN A 35 -9.93 1.15 -10.05
C ASN A 35 -10.16 1.25 -8.53
N ASN A 36 -11.01 0.39 -7.99
CA ASN A 36 -11.30 0.43 -6.56
C ASN A 36 -10.04 0.19 -5.73
N THR A 37 -9.93 0.90 -4.61
CA THR A 37 -8.70 0.83 -3.81
C THR A 37 -8.96 0.77 -2.32
N TRP A 38 -8.18 -0.06 -1.64
CA TRP A 38 -8.11 -0.04 -0.19
C TRP A 38 -7.33 1.17 0.28
N GLU A 39 -7.97 2.01 1.09
CA GLU A 39 -7.33 3.20 1.63
C GLU A 39 -7.31 3.16 3.15
N PRO A 40 -6.22 3.63 3.76
CA PRO A 40 -6.18 3.75 5.22
C PRO A 40 -7.31 4.64 5.68
N LEU A 41 -7.88 4.31 6.84
CA LEU A 41 -8.97 5.11 7.38
C LEU A 41 -8.60 6.61 7.47
N GLU A 42 -7.32 6.88 7.79
CA GLU A 42 -6.74 8.22 7.80
C GLU A 42 -6.98 9.02 6.51
N ASN A 43 -7.22 8.33 5.40
CA ASN A 43 -7.31 8.99 4.09
C ASN A 43 -8.71 9.44 3.71
N VAL A 44 -9.67 9.17 4.56
CA VAL A 44 -11.02 8.98 4.11
C VAL A 44 -11.99 9.89 4.90
N GLY A 45 -11.41 10.78 5.70
CA GLY A 45 -12.17 11.73 6.52
C GLY A 45 -13.15 12.62 5.77
N ASN A 46 -12.89 12.87 4.49
CA ASN A 46 -13.78 13.73 3.72
C ASN A 46 -14.92 13.01 3.05
N CYS A 47 -15.10 11.75 3.40
CA CYS A 47 -16.22 10.98 2.86
C CYS A 47 -16.84 10.11 3.93
N MET A 48 -16.85 10.65 5.15
CA MET A 48 -17.32 9.90 6.31
C MET A 48 -18.80 9.64 6.24
N LYS A 49 -19.54 10.46 5.50
CA LYS A 49 -20.93 10.10 5.21
C LYS A 49 -21.03 8.70 4.57
N LEU A 50 -20.27 8.50 3.50
CA LEU A 50 -20.34 7.23 2.79
C LEU A 50 -19.84 6.09 3.64
N VAL A 51 -18.72 6.31 4.34
CA VAL A 51 -18.26 5.35 5.34
C VAL A 51 -19.40 4.96 6.30
N SER A 52 -20.12 5.98 6.79
CA SER A 52 -21.21 5.75 7.73
C SER A 52 -22.29 4.84 7.11
N ASP A 53 -22.61 5.11 5.83
CA ASP A 53 -23.62 4.36 5.10
C ASP A 53 -23.20 2.91 5.09
N PHE A 54 -21.93 2.70 4.77
CA PHE A 54 -21.43 1.35 4.68
C PHE A 54 -21.56 0.67 6.04
N GLU A 55 -21.15 1.36 7.10
CA GLU A 55 -21.19 0.71 8.41
C GLU A 55 -22.62 0.47 8.85
N SER A 56 -23.56 1.30 8.40
CA SER A 56 -24.96 1.02 8.70
C SER A 56 -25.39 -0.27 8.01
N GLU A 57 -24.99 -0.41 6.75
CA GLU A 57 -25.43 -1.55 5.97
C GLU A 57 -25.04 -2.88 6.63
N VAL A 58 -23.79 -3.00 7.04
CA VAL A 58 -23.35 -4.27 7.56
C VAL A 58 -23.98 -4.49 8.93
N PHE A 59 -24.28 -3.40 9.63
CA PHE A 59 -24.92 -3.54 10.92
C PHE A 59 -26.36 -4.01 10.71
N ARG A 60 -26.94 -3.63 9.57
CA ARG A 60 -28.33 -4.01 9.29
C ARG A 60 -28.46 -5.53 9.20
N LEU A 61 -27.34 -6.22 8.94
CA LEU A 61 -27.31 -7.67 8.86
C LEU A 61 -26.14 -8.28 9.62
N THR B 3 -22.27 18.09 1.52
CA THR B 3 -20.81 18.10 1.36
C THR B 3 -20.34 17.10 0.29
N LYS B 4 -19.38 17.52 -0.53
CA LYS B 4 -18.80 16.64 -1.54
C LYS B 4 -18.03 15.55 -0.81
N GLN B 5 -18.22 14.29 -1.23
CA GLN B 5 -17.54 13.15 -0.61
C GLN B 5 -16.21 12.87 -1.32
N THR B 6 -15.09 13.09 -0.65
CA THR B 6 -13.82 12.89 -1.31
C THR B 6 -12.85 12.10 -0.42
N ALA B 7 -11.73 11.67 -1.00
CA ALA B 7 -10.74 10.91 -0.27
C ALA B 7 -9.40 10.93 -0.99
N ARG B 8 -8.34 10.64 -0.26
CA ARG B 8 -7.00 10.63 -0.85
C ARG B 8 -6.67 9.25 -1.36
N SER B 10 -3.92 6.28 -1.96
CA SER B 10 -2.68 5.73 -1.40
C SER B 10 -2.79 4.22 -1.28
N GLU C 5 -17.82 25.56 13.68
CA GLU C 5 -16.96 25.49 14.86
C GLU C 5 -16.50 24.06 15.12
N GLU C 6 -15.19 23.84 15.11
CA GLU C 6 -14.65 22.50 15.41
C GLU C 6 -13.68 22.52 16.57
N TYR C 7 -13.78 21.49 17.40
CA TYR C 7 -13.01 21.42 18.64
C TYR C 7 -11.95 20.31 18.53
N VAL C 8 -10.78 20.56 19.12
CA VAL C 8 -9.70 19.59 19.14
C VAL C 8 -10.12 18.40 19.98
N VAL C 9 -9.88 17.20 19.46
CA VAL C 9 -10.23 15.99 20.19
C VAL C 9 -8.97 15.30 20.68
N GLU C 10 -9.07 14.66 21.84
CA GLU C 10 -7.92 14.08 22.48
C GLU C 10 -7.89 12.57 22.25
N LYS C 11 -9.06 11.95 22.22
CA LYS C 11 -9.15 10.50 22.12
C LYS C 11 -10.56 10.02 21.70
N ILE C 12 -10.63 8.87 21.04
CA ILE C 12 -11.90 8.26 20.74
C ILE C 12 -12.09 7.10 21.69
N LEU C 13 -13.19 7.12 22.44
CA LEU C 13 -13.35 6.17 23.54
C LEU C 13 -14.20 4.95 23.21
N GLY C 14 -15.11 5.08 22.24
CA GLY C 14 -16.12 4.05 22.02
C GLY C 14 -16.89 4.21 20.72
N LYS C 15 -17.63 3.17 20.35
CA LYS C 15 -18.48 3.22 19.17
C LYS C 15 -19.81 2.60 19.56
N ARG C 16 -20.88 3.07 18.92
CA ARG C 16 -22.21 2.47 19.14
C ARG C 16 -23.07 2.72 17.93
N PHE C 17 -24.21 2.03 17.87
CA PHE C 17 -25.18 2.35 16.84
C PHE C 17 -26.45 2.90 17.47
N VAL C 18 -26.90 4.02 16.92
CA VAL C 18 -28.14 4.64 17.34
C VAL C 18 -29.05 4.66 16.13
N ASN C 19 -30.18 3.98 16.22
CA ASN C 19 -31.10 3.86 15.10
C ASN C 19 -30.42 3.48 13.78
N GLY C 20 -29.49 2.52 13.84
CA GLY C 20 -28.81 2.06 12.65
C GLY C 20 -27.58 2.84 12.20
N ARG C 21 -27.32 4.01 12.79
CA ARG C 21 -26.18 4.83 12.36
C ARG C 21 -25.05 4.84 13.39
N PRO C 22 -23.80 4.79 12.91
CA PRO C 22 -22.66 4.75 13.84
C PRO C 22 -22.35 6.08 14.52
N GLN C 23 -21.94 6.00 15.78
CA GLN C 23 -21.47 7.16 16.52
C GLN C 23 -20.22 6.73 17.27
N VAL C 24 -19.39 7.71 17.60
CA VAL C 24 -18.25 7.47 18.45
C VAL C 24 -18.22 8.38 19.69
N LEU C 25 -17.53 7.93 20.74
CA LEU C 25 -17.49 8.64 22.00
C LEU C 25 -16.23 9.49 22.02
N VAL C 26 -16.41 10.81 22.10
CA VAL C 26 -15.30 11.72 22.00
C VAL C 26 -14.89 12.29 23.36
N LYS C 27 -13.59 12.15 23.66
CA LYS C 27 -12.96 12.91 24.72
C LYS C 27 -12.35 14.13 24.09
N TRP C 28 -12.83 15.31 24.46
CA TRP C 28 -12.34 16.58 23.93
C TRP C 28 -11.08 17.06 24.66
N SER C 29 -10.16 17.65 23.90
CA SER C 29 -8.92 18.20 24.43
C SER C 29 -9.23 19.42 25.29
N GLY C 30 -8.61 19.47 26.47
CA GLY C 30 -8.85 20.56 27.41
C GLY C 30 -10.26 20.57 28.02
N PHE C 31 -10.89 19.40 28.07
CA PHE C 31 -12.17 19.24 28.74
C PHE C 31 -12.14 17.91 29.42
N PRO C 32 -12.64 17.85 30.67
CA PRO C 32 -12.72 16.63 31.45
C PRO C 32 -13.76 15.67 30.89
N ASN C 33 -13.75 14.46 31.42
CA ASN C 33 -14.61 13.39 30.94
C ASN C 33 -16.12 13.70 30.95
N GLU C 34 -16.54 14.53 31.90
CA GLU C 34 -17.95 14.88 32.07
C GLU C 34 -18.50 15.56 30.82
N ASN C 35 -17.61 16.13 30.01
CA ASN C 35 -17.98 16.76 28.77
C ASN C 35 -17.91 15.85 27.53
N ASN C 36 -17.73 14.54 27.75
CA ASN C 36 -17.61 13.60 26.64
C ASN C 36 -18.93 13.45 25.87
N THR C 37 -18.85 13.45 24.55
CA THR C 37 -20.06 13.35 23.76
C THR C 37 -20.00 12.23 22.75
N TRP C 38 -21.15 11.63 22.49
CA TRP C 38 -21.37 10.73 21.38
C TRP C 38 -21.65 11.55 20.14
N GLU C 39 -20.76 11.49 19.16
CA GLU C 39 -20.95 12.20 17.89
C GLU C 39 -21.09 11.21 16.72
N PRO C 40 -21.96 11.54 15.75
CA PRO C 40 -22.07 10.71 14.54
C PRO C 40 -20.76 10.62 13.75
N LEU C 41 -20.51 9.46 13.14
CA LEU C 41 -19.29 9.26 12.36
C LEU C 41 -19.08 10.39 11.37
N GLU C 42 -20.17 10.89 10.81
CA GLU C 42 -20.14 12.03 9.90
C GLU C 42 -19.34 13.24 10.43
N ASN C 43 -19.20 13.35 11.74
CA ASN C 43 -18.65 14.56 12.38
C ASN C 43 -17.15 14.53 12.69
N VAL C 44 -16.52 13.39 12.49
CA VAL C 44 -15.17 13.18 12.97
C VAL C 44 -14.16 13.02 11.83
N GLY C 45 -14.56 13.48 10.64
CA GLY C 45 -13.71 13.48 9.47
C GLY C 45 -12.33 14.08 9.69
N ASN C 46 -12.24 15.04 10.60
CA ASN C 46 -10.98 15.74 10.88
C ASN C 46 -10.19 15.22 12.08
N CYS C 47 -10.58 14.04 12.57
CA CYS C 47 -9.82 13.38 13.63
C CYS C 47 -9.72 11.86 13.39
N MET C 48 -9.60 11.51 12.11
CA MET C 48 -9.56 10.11 11.66
C MET C 48 -8.34 9.35 12.16
N LYS C 49 -7.19 10.00 12.21
CA LYS C 49 -6.04 9.43 12.90
C LYS C 49 -6.46 8.88 14.28
N LEU C 50 -7.09 9.72 15.10
CA LEU C 50 -7.51 9.25 16.42
C LEU C 50 -8.53 8.11 16.29
N VAL C 51 -9.47 8.25 15.34
CA VAL C 51 -10.47 7.23 15.12
C VAL C 51 -9.76 5.92 14.76
N SER C 52 -8.72 6.04 13.96
CA SER C 52 -7.99 4.88 13.50
C SER C 52 -7.33 4.18 14.70
N ASP C 53 -6.77 5.00 15.62
CA ASP C 53 -6.15 4.45 16.82
C ASP C 53 -7.20 3.60 17.51
N PHE C 54 -8.38 4.19 17.70
CA PHE C 54 -9.42 3.51 18.44
C PHE C 54 -9.78 2.19 17.77
N GLU C 55 -9.90 2.20 16.43
CA GLU C 55 -10.26 0.99 15.70
C GLU C 55 -9.20 -0.07 15.93
N SER C 56 -7.93 0.35 15.83
CA SER C 56 -6.84 -0.61 16.03
C SER C 56 -6.95 -1.26 17.40
N GLU C 57 -7.27 -0.44 18.41
CA GLU C 57 -7.34 -0.96 19.76
C GLU C 57 -8.40 -2.03 19.80
N VAL C 58 -9.58 -1.71 19.28
CA VAL C 58 -10.67 -2.68 19.28
C VAL C 58 -10.20 -3.98 18.63
N PHE C 59 -9.56 -3.86 17.45
CA PHE C 59 -9.13 -5.02 16.68
C PHE C 59 -8.22 -5.89 17.53
N ARG C 60 -7.27 -5.24 18.19
CA ARG C 60 -6.31 -5.90 19.07
C ARG C 60 -7.05 -6.70 20.14
N LEU C 61 -8.02 -6.07 20.80
CA LEU C 61 -8.79 -6.77 21.83
C LEU C 61 -9.50 -7.99 21.23
N HIS C 62 -10.16 -7.79 20.08
CA HIS C 62 -10.83 -8.91 19.41
C HIS C 62 -9.84 -10.04 19.19
N ARG C 63 -8.64 -9.69 18.73
CA ARG C 63 -7.67 -10.71 18.43
C ARG C 63 -7.14 -11.39 19.67
N LYS C 64 -7.09 -10.65 20.79
CA LYS C 64 -6.72 -11.26 22.06
C LYS C 64 -7.78 -12.28 22.44
N ALA C 65 -9.05 -11.92 22.21
CA ALA C 65 -10.15 -12.78 22.65
C ALA C 65 -10.20 -14.06 21.82
N ALA C 66 -9.90 -13.95 20.53
CA ALA C 66 -10.00 -15.08 19.62
C ALA C 66 -8.85 -16.07 19.70
N ALA C 67 -7.78 -15.72 20.41
CA ALA C 67 -6.57 -16.55 20.42
C ALA C 67 -6.40 -17.40 21.68
N THR D 3 -2.74 16.74 10.21
CA THR D 3 -2.42 15.96 11.40
C THR D 3 -2.93 16.66 12.69
N LYS D 4 -3.78 17.67 12.52
CA LYS D 4 -4.47 18.37 13.63
C LYS D 4 -5.89 17.82 13.88
N GLN D 5 -6.13 17.27 15.07
CA GLN D 5 -7.30 16.43 15.32
C GLN D 5 -8.50 17.19 15.85
N THR D 6 -9.50 17.42 14.99
CA THR D 6 -10.63 18.25 15.35
C THR D 6 -11.96 17.55 15.01
N ALA D 7 -13.08 18.13 15.47
CA ALA D 7 -14.41 17.54 15.28
C ALA D 7 -15.56 18.45 15.71
N ARG D 8 -16.70 18.29 15.08
CA ARG D 8 -17.87 19.10 15.39
C ARG D 8 -18.53 18.61 16.69
N SER D 10 -22.01 18.49 19.32
CA SER D 10 -23.46 18.48 19.23
C SER D 10 -24.11 19.31 20.35
N GLU E 5 3.74 -34.60 3.84
CA GLU E 5 2.48 -35.19 3.46
C GLU E 5 2.25 -36.58 4.05
N GLU E 6 3.13 -37.01 4.95
CA GLU E 6 3.06 -38.40 5.43
C GLU E 6 2.39 -38.54 6.82
N TYR E 7 2.58 -37.57 7.71
CA TYR E 7 2.06 -37.68 9.07
C TYR E 7 1.24 -36.49 9.52
N VAL E 8 0.24 -36.74 10.36
CA VAL E 8 -0.71 -35.70 10.80
C VAL E 8 -0.06 -34.73 11.79
N VAL E 9 -0.31 -33.44 11.57
CA VAL E 9 0.25 -32.40 12.42
C VAL E 9 -0.86 -31.84 13.30
N GLU E 10 -0.58 -31.71 14.59
CA GLU E 10 -1.56 -31.13 15.49
C GLU E 10 -1.33 -29.63 15.65
N LYS E 11 -0.07 -29.22 15.64
CA LYS E 11 0.24 -27.83 15.95
C LYS E 11 1.67 -27.44 15.59
N ILE E 12 1.83 -26.22 15.09
CA ILE E 12 3.13 -25.61 14.86
C ILE E 12 3.50 -24.75 16.08
N LEU E 13 4.70 -24.93 16.59
CA LEU E 13 5.08 -24.43 17.90
C LEU E 13 6.18 -23.39 17.85
N GLY E 14 6.91 -23.31 16.74
CA GLY E 14 7.97 -22.33 16.63
C GLY E 14 8.54 -22.19 15.23
N LYS E 15 9.48 -21.26 15.07
CA LYS E 15 10.14 -21.05 13.80
C LYS E 15 11.55 -20.64 14.09
N ARG E 16 12.50 -21.10 13.30
CA ARG E 16 13.88 -20.69 13.49
C ARG E 16 14.60 -20.70 12.15
N PHE E 17 15.83 -20.19 12.14
CA PHE E 17 16.69 -20.31 10.96
C PHE E 17 17.92 -21.15 11.29
N VAL E 18 18.26 -22.06 10.39
CA VAL E 18 19.44 -22.89 10.56
C VAL E 18 20.25 -22.78 9.28
N ASN E 19 21.44 -22.19 9.41
CA ASN E 19 22.29 -21.90 8.27
C ASN E 19 21.53 -21.16 7.20
N GLY E 20 20.76 -20.15 7.61
CA GLY E 20 20.00 -19.34 6.68
C GLY E 20 18.62 -19.83 6.22
N ARG E 21 18.28 -21.08 6.46
CA ARG E 21 17.01 -21.66 6.01
C ARG E 21 15.99 -21.80 7.14
N PRO E 22 14.75 -21.38 6.87
CA PRO E 22 13.67 -21.48 7.86
C PRO E 22 13.22 -22.90 8.14
N GLN E 23 12.92 -23.15 9.41
CA GLN E 23 12.30 -24.38 9.87
C GLN E 23 11.18 -24.03 10.85
N VAL E 24 10.24 -24.94 11.04
CA VAL E 24 9.20 -24.79 12.04
C VAL E 24 9.16 -25.99 12.97
N LEU E 25 8.89 -25.73 14.25
CA LEU E 25 8.81 -26.79 15.25
C LEU E 25 7.46 -27.49 15.14
N VAL E 26 7.49 -28.79 14.92
CA VAL E 26 6.25 -29.51 14.65
C VAL E 26 5.79 -30.31 15.85
N LYS E 27 4.53 -30.14 16.22
CA LYS E 27 3.87 -31.02 17.18
C LYS E 27 3.01 -32.04 16.42
N TRP E 28 3.42 -33.31 16.48
CA TRP E 28 2.74 -34.38 15.73
C TRP E 28 1.57 -34.93 16.52
N SER E 29 0.47 -35.22 15.83
CA SER E 29 -0.70 -35.83 16.46
C SER E 29 -0.36 -37.20 17.01
N GLY E 30 -0.79 -37.46 18.24
CA GLY E 30 -0.55 -38.73 18.89
C GLY E 30 0.86 -38.88 19.46
N PHE E 31 1.69 -37.86 19.29
CA PHE E 31 3.05 -37.89 19.82
C PHE E 31 3.27 -36.83 20.89
N PRO E 32 3.86 -37.23 22.03
CA PRO E 32 4.16 -36.26 23.09
C PRO E 32 5.13 -35.20 22.59
N ASN E 33 5.26 -34.11 23.33
CA ASN E 33 6.20 -33.04 23.01
C ASN E 33 7.65 -33.53 22.77
N GLU E 34 7.98 -34.67 23.36
CA GLU E 34 9.31 -35.28 23.27
C GLU E 34 9.67 -35.62 21.83
N ASN E 35 8.66 -35.87 21.01
CA ASN E 35 8.86 -36.19 19.61
C ASN E 35 8.75 -34.96 18.69
N ASN E 36 8.55 -33.77 19.25
CA ASN E 36 8.49 -32.56 18.42
C ASN E 36 9.77 -32.42 17.60
N THR E 37 9.60 -32.07 16.32
CA THR E 37 10.75 -31.96 15.44
C THR E 37 10.69 -30.72 14.59
N TRP E 38 11.84 -30.06 14.48
CA TRP E 38 12.02 -28.93 13.59
C TRP E 38 12.12 -29.43 12.18
N GLU E 39 11.20 -28.99 11.34
CA GLU E 39 11.16 -29.42 9.96
C GLU E 39 11.37 -28.23 9.05
N PRO E 40 12.01 -28.45 7.89
CA PRO E 40 12.23 -27.33 6.96
C PRO E 40 10.88 -26.85 6.46
N LEU E 41 10.76 -25.58 6.08
CA LEU E 41 9.51 -25.04 5.55
C LEU E 41 8.99 -25.85 4.37
N GLU E 42 9.92 -26.51 3.68
CA GLU E 42 9.60 -27.32 2.54
C GLU E 42 8.78 -28.58 2.91
N ASN E 43 8.99 -29.10 4.12
CA ASN E 43 8.27 -30.30 4.59
C ASN E 43 6.81 -30.05 5.02
N VAL E 44 6.52 -28.85 5.50
CA VAL E 44 5.15 -28.49 5.80
C VAL E 44 4.60 -28.08 4.46
N GLY E 45 3.41 -27.55 4.36
CA GLY E 45 2.95 -27.28 3.00
C GLY E 45 1.63 -27.98 2.80
N ASN E 46 1.53 -29.14 3.43
CA ASN E 46 0.25 -29.79 3.59
C ASN E 46 -0.33 -29.49 4.96
N CYS E 47 0.29 -28.55 5.66
CA CYS E 47 -0.32 -28.00 6.87
C CYS E 47 -0.13 -26.48 6.93
N MET E 48 -0.06 -25.88 5.75
CA MET E 48 -0.07 -24.43 5.63
C MET E 48 -1.43 -23.94 6.06
N LYS E 49 -1.63 -23.85 7.36
CA LYS E 49 -2.88 -23.42 7.95
C LYS E 49 -2.65 -23.41 9.46
N LEU E 50 -2.14 -24.54 9.96
CA LEU E 50 -1.59 -24.62 11.29
C LEU E 50 -0.39 -23.68 11.38
N VAL E 51 0.38 -23.66 10.29
CA VAL E 51 1.49 -22.72 10.15
C VAL E 51 0.99 -21.29 10.19
N SER E 52 -0.10 -21.01 9.47
CA SER E 52 -0.65 -19.67 9.46
C SER E 52 -1.19 -19.28 10.83
N ASP E 53 -1.82 -20.25 11.52
CA ASP E 53 -2.26 -20.03 12.90
C ASP E 53 -1.07 -19.55 13.73
N PHE E 54 0.05 -20.25 13.58
CA PHE E 54 1.25 -19.93 14.36
C PHE E 54 1.84 -18.53 14.03
N GLU E 55 2.00 -18.24 12.74
CA GLU E 55 2.52 -16.95 12.33
C GLU E 55 1.60 -15.86 12.88
N SER E 56 0.30 -16.10 12.72
CA SER E 56 -0.73 -15.19 13.16
C SER E 56 -0.54 -14.82 14.61
N GLU E 57 -0.32 -15.84 15.44
CA GLU E 57 -0.18 -15.61 16.86
C GLU E 57 1.12 -14.89 17.21
N VAL E 58 2.15 -15.17 16.44
CA VAL E 58 3.41 -14.49 16.65
C VAL E 58 3.23 -13.00 16.38
N PHE E 59 2.48 -12.70 15.34
CA PHE E 59 2.35 -11.33 14.91
C PHE E 59 1.47 -10.60 15.89
N ARG E 60 0.48 -11.30 16.45
CA ARG E 60 -0.39 -10.71 17.46
C ARG E 60 0.44 -10.27 18.68
N LEU E 61 1.27 -11.21 19.16
CA LEU E 61 2.19 -10.94 20.26
C LEU E 61 3.13 -9.78 19.96
N HIS E 62 3.71 -9.80 18.77
CA HIS E 62 4.59 -8.73 18.32
C HIS E 62 3.86 -7.39 18.36
N ARG E 63 2.59 -7.42 17.98
CA ARG E 63 1.78 -6.22 17.88
C ARG E 63 1.52 -5.63 19.26
N LYS E 64 1.23 -6.49 20.23
CA LYS E 64 1.00 -6.00 21.59
C LYS E 64 2.29 -5.42 22.24
N ALA E 65 3.44 -5.95 21.83
CA ALA E 65 4.74 -5.54 22.37
C ALA E 65 5.30 -4.28 21.73
N THR F 3 -9.72 -30.08 5.11
CA THR F 3 -8.41 -30.49 4.63
C THR F 3 -7.52 -30.90 5.80
N LYS F 4 -7.14 -32.18 5.86
CA LYS F 4 -6.30 -32.65 6.97
C LYS F 4 -4.86 -32.13 6.87
N GLN F 5 -4.26 -31.91 8.02
CA GLN F 5 -2.96 -31.24 8.11
C GLN F 5 -1.86 -32.26 8.28
N THR F 6 -0.96 -32.32 7.30
CA THR F 6 0.14 -33.27 7.35
C THR F 6 1.46 -32.60 7.01
N ALA F 7 2.56 -33.26 7.35
CA ALA F 7 3.89 -32.81 7.01
C ALA F 7 4.78 -34.01 6.88
N ARG F 8 5.96 -33.80 6.32
CA ARG F 8 6.95 -34.86 6.23
C ARG F 8 7.91 -34.78 7.41
N SER F 10 11.74 -35.06 8.11
CA SER F 10 13.09 -35.08 7.56
C SER F 10 14.00 -36.00 8.37
N THR F 11 15.15 -36.34 7.80
CA THR F 11 16.18 -37.09 8.50
C THR F 11 17.55 -36.45 8.26
N GLU G 5 -6.74 -23.79 -12.91
CA GLU G 5 -7.27 -23.46 -11.59
C GLU G 5 -6.14 -23.18 -10.58
N GLU G 6 -5.00 -23.84 -10.76
CA GLU G 6 -3.77 -23.45 -10.06
C GLU G 6 -2.75 -22.99 -11.11
N TYR G 7 -1.97 -21.98 -10.77
CA TYR G 7 -1.05 -21.34 -11.73
C TYR G 7 0.39 -21.40 -11.23
N VAL G 8 1.35 -21.53 -12.15
CA VAL G 8 2.75 -21.61 -11.75
C VAL G 8 3.21 -20.32 -11.08
N VAL G 9 3.78 -20.45 -9.89
CA VAL G 9 4.34 -19.30 -9.17
C VAL G 9 5.81 -19.18 -9.54
N GLU G 10 6.24 -17.95 -9.78
CA GLU G 10 7.62 -17.68 -10.12
C GLU G 10 8.45 -17.32 -8.89
N LYS G 11 8.00 -16.34 -8.10
CA LYS G 11 8.58 -16.12 -6.77
C LYS G 11 7.61 -15.46 -5.81
N ILE G 12 8.07 -15.26 -4.58
CA ILE G 12 7.33 -14.51 -3.57
C ILE G 12 8.07 -13.22 -3.29
N LEU G 13 7.33 -12.12 -3.16
CA LEU G 13 7.93 -10.79 -3.08
C LEU G 13 7.58 -10.01 -1.82
N GLY G 14 6.79 -10.60 -0.92
CA GLY G 14 6.36 -9.88 0.27
C GLY G 14 5.50 -10.67 1.24
N LYS G 15 5.35 -10.12 2.44
CA LYS G 15 4.46 -10.68 3.44
C LYS G 15 3.67 -9.58 4.17
N ARG G 16 2.45 -9.90 4.57
CA ARG G 16 1.67 -8.96 5.35
C ARG G 16 0.64 -9.72 6.14
N PHE G 17 -0.09 -9.03 7.00
CA PHE G 17 -1.18 -9.68 7.74
C PHE G 17 -2.50 -8.97 7.45
N VAL G 18 -3.53 -9.74 7.11
CA VAL G 18 -4.83 -9.15 6.80
C VAL G 18 -5.87 -9.79 7.69
N ASN G 19 -6.43 -8.98 8.58
CA ASN G 19 -7.31 -9.49 9.62
C ASN G 19 -6.64 -10.59 10.43
N GLY G 20 -5.37 -10.39 10.79
CA GLY G 20 -4.66 -11.37 11.57
C GLY G 20 -4.10 -12.54 10.80
N ARG G 21 -4.48 -12.72 9.53
CA ARG G 21 -3.98 -13.84 8.72
C ARG G 21 -2.84 -13.46 7.76
N PRO G 22 -1.82 -14.32 7.67
CA PRO G 22 -0.66 -14.00 6.84
C PRO G 22 -0.92 -14.16 5.35
N GLN G 23 -0.35 -13.25 4.58
CA GLN G 23 -0.46 -13.31 3.14
C GLN G 23 0.92 -13.06 2.54
N VAL G 24 1.14 -13.64 1.38
CA VAL G 24 2.36 -13.46 0.61
C VAL G 24 2.04 -12.84 -0.77
N LEU G 25 2.99 -12.09 -1.30
CA LEU G 25 2.80 -11.42 -2.58
C LEU G 25 3.45 -12.27 -3.65
N VAL G 26 2.64 -12.73 -4.60
CA VAL G 26 3.03 -13.73 -5.58
C VAL G 26 3.27 -13.12 -6.96
N LYS G 27 4.43 -13.41 -7.56
CA LYS G 27 4.71 -13.10 -8.96
C LYS G 27 4.35 -14.33 -9.79
N TRP G 28 3.31 -14.24 -10.61
CA TRP G 28 2.90 -15.41 -11.37
C TRP G 28 3.82 -15.65 -12.57
N SER G 29 4.03 -16.91 -12.92
CA SER G 29 4.89 -17.22 -14.03
C SER G 29 4.16 -16.82 -15.30
N GLY G 30 4.84 -16.04 -16.15
CA GLY G 30 4.23 -15.64 -17.41
C GLY G 30 3.25 -14.48 -17.31
N PHE G 31 3.07 -13.95 -16.11
CA PHE G 31 2.30 -12.72 -15.95
C PHE G 31 3.23 -11.64 -15.41
N PRO G 32 3.20 -10.43 -15.99
CA PRO G 32 4.08 -9.34 -15.53
C PRO G 32 3.64 -8.78 -14.18
N ASN G 33 4.48 -7.93 -13.59
CA ASN G 33 4.38 -7.62 -12.16
C ASN G 33 3.16 -6.82 -11.71
N GLU G 34 2.55 -6.06 -12.61
CA GLU G 34 1.24 -5.43 -12.32
C GLU G 34 0.24 -6.48 -11.86
N ASN G 35 0.45 -7.71 -12.32
CA ASN G 35 -0.48 -8.80 -12.07
C ASN G 35 -0.27 -9.51 -10.73
N ASN G 36 0.84 -9.21 -10.05
CA ASN G 36 1.16 -9.83 -8.78
C ASN G 36 -0.04 -9.69 -7.83
N THR G 37 -0.31 -10.73 -7.05
CA THR G 37 -1.44 -10.66 -6.12
C THR G 37 -1.04 -11.17 -4.75
N TRP G 38 -1.62 -10.58 -3.71
CA TRP G 38 -1.51 -11.08 -2.35
C TRP G 38 -2.38 -12.34 -2.22
N GLU G 39 -1.85 -13.36 -1.56
CA GLU G 39 -2.54 -14.64 -1.45
C GLU G 39 -2.36 -15.13 -0.03
N PRO G 40 -3.38 -15.76 0.54
CA PRO G 40 -3.24 -16.27 1.90
C PRO G 40 -2.17 -17.32 1.90
N LEU G 41 -1.40 -17.32 2.97
CA LEU G 41 -0.32 -18.27 3.14
C LEU G 41 -0.88 -19.70 3.05
N GLU G 42 -2.11 -19.87 3.51
CA GLU G 42 -2.78 -21.17 3.49
C GLU G 42 -2.91 -21.75 2.08
N ASN G 43 -2.90 -20.89 1.08
CA ASN G 43 -3.13 -21.30 -0.29
C ASN G 43 -1.87 -21.65 -1.03
N VAL G 44 -0.75 -21.54 -0.34
CA VAL G 44 0.52 -21.42 -1.00
C VAL G 44 1.38 -22.67 -0.77
N GLY G 45 0.71 -23.73 -0.29
CA GLY G 45 1.34 -25.00 0.05
C GLY G 45 2.17 -25.67 -1.03
N ASN G 46 1.85 -25.41 -2.29
CA ASN G 46 2.55 -26.07 -3.38
C ASN G 46 3.77 -25.32 -3.89
N CYS G 47 4.17 -24.26 -3.20
CA CYS G 47 5.36 -23.52 -3.62
C CYS G 47 6.13 -23.00 -2.43
N MET G 48 6.20 -23.86 -1.41
CA MET G 48 6.90 -23.56 -0.18
C MET G 48 8.38 -23.29 -0.42
N LYS G 49 8.97 -23.99 -1.38
CA LYS G 49 10.35 -23.74 -1.74
C LYS G 49 10.50 -22.25 -2.02
N LEU G 50 9.66 -21.74 -2.91
CA LEU G 50 9.66 -20.31 -3.20
C LEU G 50 9.44 -19.48 -1.94
N VAL G 51 8.44 -19.87 -1.14
CA VAL G 51 8.16 -19.20 0.12
C VAL G 51 9.43 -19.20 0.98
N SER G 52 10.06 -20.37 1.06
CA SER G 52 11.23 -20.54 1.90
C SER G 52 12.33 -19.61 1.38
N ASP G 53 12.45 -19.53 0.05
CA ASP G 53 13.47 -18.70 -0.57
C ASP G 53 13.26 -17.29 -0.07
N PHE G 54 12.02 -16.84 -0.18
CA PHE G 54 11.69 -15.47 0.17
C PHE G 54 12.11 -15.19 1.61
N GLU G 55 11.83 -16.16 2.48
CA GLU G 55 12.06 -15.92 3.88
C GLU G 55 13.53 -15.97 4.26
N SER G 56 14.34 -16.70 3.48
CA SER G 56 15.77 -16.64 3.72
C SER G 56 16.21 -15.21 3.43
N GLU G 57 15.70 -14.67 2.32
CA GLU G 57 16.13 -13.36 1.84
C GLU G 57 15.88 -12.31 2.91
N VAL G 58 14.65 -12.28 3.42
CA VAL G 58 14.28 -11.31 4.45
C VAL G 58 15.16 -11.47 5.68
N PHE G 59 15.46 -12.72 6.03
CA PHE G 59 16.24 -12.96 7.23
C PHE G 59 17.65 -12.45 6.96
N ARG G 60 18.14 -12.69 5.75
CA ARG G 60 19.49 -12.31 5.34
C ARG G 60 19.79 -10.84 5.62
N LEU G 61 18.80 -9.99 5.35
CA LEU G 61 18.96 -8.53 5.35
C LEU G 61 18.50 -7.82 6.64
N HIS G 62 18.07 -8.57 7.65
CA HIS G 62 17.52 -7.99 8.88
C HIS G 62 18.35 -6.85 9.50
N LYS H 4 8.11 -24.48 -5.44
CA LYS H 4 8.39 -23.85 -6.72
C LYS H 4 7.20 -23.94 -7.69
N GLN H 5 6.23 -24.78 -7.36
CA GLN H 5 5.15 -25.08 -8.31
C GLN H 5 4.09 -24.01 -8.44
N THR H 6 2.96 -24.29 -7.81
CA THR H 6 1.73 -23.58 -8.16
C THR H 6 0.95 -23.10 -6.94
N ALA H 7 -0.12 -22.35 -7.22
CA ALA H 7 -1.01 -21.84 -6.21
C ALA H 7 -2.35 -21.46 -6.82
N ARG H 8 -3.39 -21.47 -5.99
CA ARG H 8 -4.73 -20.96 -6.34
C ARG H 8 -4.64 -19.44 -6.44
N SER H 10 -6.83 -16.00 -5.71
CA SER H 10 -7.87 -15.59 -4.75
C SER H 10 -8.09 -16.68 -3.71
N GLU I 5 11.20 -5.49 -20.34
CA GLU I 5 12.01 -4.35 -20.75
C GLU I 5 11.59 -3.09 -19.98
N GLU I 6 10.37 -2.64 -20.24
CA GLU I 6 9.80 -1.53 -19.46
C GLU I 6 8.83 -2.10 -18.44
N TYR I 7 8.93 -1.63 -17.20
CA TYR I 7 8.03 -2.08 -16.13
C TYR I 7 7.02 -1.00 -15.87
N VAL I 8 5.85 -1.40 -15.44
CA VAL I 8 4.80 -0.48 -15.12
C VAL I 8 5.13 0.25 -13.83
N VAL I 9 4.91 1.56 -13.82
CA VAL I 9 5.20 2.36 -12.64
C VAL I 9 3.92 2.59 -11.86
N GLU I 10 4.00 2.50 -10.54
CA GLU I 10 2.85 2.77 -9.67
C GLU I 10 2.84 4.22 -9.14
N LYS I 11 4.01 4.78 -8.90
CA LYS I 11 4.12 6.08 -8.24
C LYS I 11 5.54 6.65 -8.40
N ILE I 12 5.63 7.98 -8.45
CA ILE I 12 6.92 8.65 -8.34
C ILE I 12 6.99 9.25 -6.93
N LEU I 13 8.14 9.10 -6.26
CA LEU I 13 8.23 9.43 -4.83
C LEU I 13 9.18 10.56 -4.47
N GLY I 14 10.14 10.86 -5.33
CA GLY I 14 11.11 11.86 -4.96
C GLY I 14 11.96 12.29 -6.11
N LYS I 15 12.78 13.30 -5.88
CA LYS I 15 13.66 13.80 -6.92
C LYS I 15 15.03 14.12 -6.34
N ARG I 16 16.06 14.07 -7.17
CA ARG I 16 17.40 14.40 -6.71
C ARG I 16 18.25 14.71 -7.92
N PHE I 17 19.42 15.28 -7.69
CA PHE I 17 20.35 15.49 -8.79
C PHE I 17 21.60 14.66 -8.58
N VAL I 18 21.98 13.90 -9.60
CA VAL I 18 23.23 13.16 -9.57
C VAL I 18 24.13 13.68 -10.68
N ASN I 19 25.23 14.30 -10.29
CA ASN I 19 26.14 14.92 -11.24
C ASN I 19 25.42 15.94 -12.10
N GLY I 20 24.56 16.73 -11.48
CA GLY I 20 23.83 17.76 -12.21
C GLY I 20 22.58 17.32 -12.98
N ARG I 21 22.37 16.02 -13.17
CA ARG I 21 21.21 15.52 -13.93
C ARG I 21 20.11 15.02 -13.00
N PRO I 22 18.85 15.38 -13.30
CA PRO I 22 17.68 15.00 -12.50
C PRO I 22 17.37 13.51 -12.54
N GLN I 23 16.94 12.99 -11.39
CA GLN I 23 16.47 11.61 -11.26
C GLN I 23 15.24 11.59 -10.36
N VAL I 24 14.39 10.58 -10.55
CA VAL I 24 13.23 10.41 -9.68
C VAL I 24 13.22 9.04 -9.03
N LEU I 25 12.66 8.98 -7.83
CA LEU I 25 12.54 7.75 -7.08
C LEU I 25 11.26 7.09 -7.56
N VAL I 26 11.34 5.80 -7.83
CA VAL I 26 10.29 5.16 -8.57
C VAL I 26 9.76 3.97 -7.79
N LYS I 27 8.45 3.96 -7.57
CA LYS I 27 7.76 2.82 -6.98
C LYS I 27 7.14 1.98 -8.11
N TRP I 28 7.58 0.73 -8.23
CA TRP I 28 7.15 -0.16 -9.31
C TRP I 28 5.92 -0.98 -8.98
N SER I 29 4.92 -0.97 -9.86
CA SER I 29 3.72 -1.77 -9.67
C SER I 29 4.03 -3.25 -9.44
N GLY I 30 3.50 -3.79 -8.34
CA GLY I 30 3.70 -5.18 -7.95
C GLY I 30 4.90 -5.40 -7.05
N PHE I 31 5.70 -4.35 -6.85
CA PHE I 31 6.93 -4.44 -6.07
C PHE I 31 6.84 -3.63 -4.77
N PRO I 32 7.10 -4.27 -3.64
CA PRO I 32 7.12 -3.52 -2.37
C PRO I 32 8.23 -2.47 -2.32
N ASN I 33 8.13 -1.51 -1.39
CA ASN I 33 8.99 -0.31 -1.32
C ASN I 33 10.50 -0.55 -1.37
N GLU I 34 10.95 -1.71 -0.88
CA GLU I 34 12.38 -1.98 -0.86
C GLU I 34 12.97 -2.14 -2.28
N ASN I 35 12.10 -2.28 -3.28
CA ASN I 35 12.52 -2.42 -4.66
C ASN I 35 12.61 -1.06 -5.35
N ASN I 36 12.17 0.00 -4.67
CA ASN I 36 12.19 1.32 -5.31
C ASN I 36 13.59 1.71 -5.83
N THR I 37 13.64 2.42 -6.95
CA THR I 37 14.93 2.75 -7.53
C THR I 37 14.93 4.18 -7.99
N TRP I 38 16.12 4.77 -8.06
CA TRP I 38 16.29 6.08 -8.66
C TRP I 38 16.50 5.90 -10.15
N GLU I 39 15.70 6.56 -10.97
CA GLU I 39 15.86 6.49 -12.43
C GLU I 39 16.11 7.87 -13.02
N PRO I 40 16.92 7.94 -14.09
CA PRO I 40 17.13 9.20 -14.83
C PRO I 40 15.81 9.75 -15.31
N LEU I 41 15.65 11.07 -15.32
CA LEU I 41 14.39 11.64 -15.75
C LEU I 41 14.17 11.35 -17.25
N GLU I 42 15.26 11.25 -17.99
CA GLU I 42 15.28 10.82 -19.39
C GLU I 42 14.49 9.54 -19.61
N ASN I 43 14.44 8.70 -18.59
CA ASN I 43 13.78 7.41 -18.67
C ASN I 43 12.28 7.40 -18.35
N VAL I 44 11.72 8.50 -17.86
CA VAL I 44 10.37 8.34 -17.31
C VAL I 44 9.25 8.89 -18.19
N GLY I 45 9.56 9.13 -19.46
CA GLY I 45 8.64 9.68 -20.45
C GLY I 45 7.30 8.99 -20.63
N ASN I 46 7.21 7.70 -20.30
CA ASN I 46 5.95 6.97 -20.42
C ASN I 46 5.13 6.93 -19.14
N CYS I 47 5.59 7.62 -18.11
CA CYS I 47 4.82 7.75 -16.88
C CYS I 47 4.71 9.21 -16.47
N MET I 48 4.67 10.10 -17.47
CA MET I 48 4.65 11.55 -17.24
C MET I 48 3.51 12.03 -16.36
N LYS I 49 2.33 11.46 -16.53
CA LYS I 49 1.22 11.75 -15.63
C LYS I 49 1.66 11.57 -14.16
N LEU I 50 2.21 10.40 -13.86
CA LEU I 50 2.66 10.12 -12.50
C LEU I 50 3.74 11.10 -12.06
N VAL I 51 4.57 11.54 -13.00
CA VAL I 51 5.59 12.55 -12.71
C VAL I 51 4.92 13.90 -12.40
N SER I 52 3.94 14.28 -13.23
CA SER I 52 3.20 15.52 -13.04
C SER I 52 2.61 15.54 -11.65
N ASP I 53 1.91 14.45 -11.32
CA ASP I 53 1.33 14.25 -10.00
C ASP I 53 2.37 14.57 -8.93
N PHE I 54 3.53 13.94 -9.02
CA PHE I 54 4.50 14.12 -7.97
C PHE I 54 4.93 15.59 -7.92
N GLU I 55 5.21 16.16 -9.09
CA GLU I 55 5.69 17.53 -9.10
C GLU I 55 4.59 18.48 -8.68
N SER I 56 3.35 18.05 -8.89
CA SER I 56 2.19 18.81 -8.44
C SER I 56 2.15 18.74 -6.90
N GLU I 57 2.32 17.54 -6.34
CA GLU I 57 2.23 17.35 -4.89
C GLU I 57 3.27 18.22 -4.19
N VAL I 58 4.51 18.09 -4.66
CA VAL I 58 5.61 18.90 -4.16
C VAL I 58 5.28 20.38 -4.20
N PHE I 59 4.69 20.80 -5.32
CA PHE I 59 4.35 22.21 -5.47
C PHE I 59 3.25 22.63 -4.50
N ARG I 60 2.29 21.74 -4.23
CA ARG I 60 1.21 22.06 -3.28
C ARG I 60 1.80 22.25 -1.88
N LEU I 61 3.02 21.74 -1.69
CA LEU I 61 3.71 21.86 -0.42
C LEU I 61 4.92 22.78 -0.56
N HIS I 62 4.88 23.67 -1.55
CA HIS I 62 6.04 24.45 -1.98
C HIS I 62 7.21 23.55 -2.40
N GLN J 5 2.12 4.93 -16.03
CA GLN J 5 2.17 3.78 -16.92
C GLN J 5 3.49 3.02 -16.81
N THR J 6 4.44 3.26 -17.70
CA THR J 6 5.67 2.46 -17.69
C THR J 6 6.94 3.28 -17.63
N ALA J 7 8.06 2.55 -17.49
CA ALA J 7 9.38 3.16 -17.46
C ALA J 7 10.47 2.12 -17.52
N ARG J 8 11.67 2.59 -17.82
CA ARG J 8 12.83 1.72 -18.02
C ARG J 8 13.67 1.69 -16.74
N SER J 10 17.17 1.43 -15.02
CA SER J 10 18.58 1.68 -15.37
C SER J 10 19.52 0.91 -14.45
N GLU K 6 2.42 14.20 -33.29
CA GLU K 6 3.28 15.06 -32.48
C GLU K 6 4.29 15.79 -33.35
N TYR K 7 4.75 16.96 -32.88
CA TYR K 7 5.76 17.73 -33.58
C TYR K 7 7.10 17.57 -32.87
N VAL K 8 8.20 17.92 -33.54
CA VAL K 8 9.52 17.79 -32.93
C VAL K 8 10.01 19.05 -32.21
N VAL K 9 10.61 18.84 -31.03
CA VAL K 9 10.96 19.92 -30.11
C VAL K 9 12.44 20.25 -30.17
N GLU K 10 12.74 21.54 -30.28
CA GLU K 10 14.12 22.02 -30.30
C GLU K 10 14.65 22.26 -28.89
N LYS K 11 13.84 22.89 -28.05
CA LYS K 11 14.28 23.25 -26.71
C LYS K 11 13.13 23.46 -25.72
N ILE K 12 13.42 23.21 -24.44
CA ILE K 12 12.54 23.53 -23.32
C ILE K 12 13.07 24.80 -22.66
N LEU K 13 12.22 25.81 -22.49
CA LEU K 13 12.69 27.15 -22.14
C LEU K 13 12.27 27.68 -20.76
N GLY K 14 11.29 27.04 -20.14
CA GLY K 14 10.80 27.52 -18.87
C GLY K 14 9.88 26.51 -18.24
N LYS K 15 9.66 26.64 -16.96
CA LYS K 15 8.68 25.80 -16.32
C LYS K 15 7.76 26.70 -15.50
N ARG K 16 6.52 26.28 -15.34
CA ARG K 16 5.56 27.03 -14.54
C ARG K 16 4.48 26.09 -14.03
N PHE K 17 3.65 26.59 -13.12
CA PHE K 17 2.50 25.83 -12.67
C PHE K 17 1.23 26.57 -13.02
N VAL K 18 0.26 25.84 -13.56
CA VAL K 18 -1.06 26.40 -13.88
C VAL K 18 -2.12 25.59 -13.14
N ASN K 19 -2.80 26.22 -12.19
CA ASN K 19 -3.74 25.52 -11.32
C ASN K 19 -3.10 24.34 -10.62
N GLY K 20 -1.85 24.48 -10.23
CA GLY K 20 -1.18 23.42 -9.49
C GLY K 20 -0.51 22.38 -10.37
N ARG K 21 -0.70 22.47 -11.68
CA ARG K 21 -0.12 21.47 -12.58
C ARG K 21 1.07 22.02 -13.39
N PRO K 22 2.13 21.22 -13.54
CA PRO K 22 3.34 21.71 -14.20
C PRO K 22 3.22 21.77 -15.72
N GLN K 23 3.78 22.82 -16.31
CA GLN K 23 3.90 22.93 -17.75
C GLN K 23 5.29 23.47 -18.07
N VAL K 24 5.75 23.16 -19.28
CA VAL K 24 7.03 23.66 -19.77
C VAL K 24 6.86 24.44 -21.06
N LEU K 25 7.74 25.42 -21.26
CA LEU K 25 7.68 26.27 -22.44
C LEU K 25 8.47 25.63 -23.56
N VAL K 26 7.77 25.35 -24.65
CA VAL K 26 8.33 24.53 -25.71
C VAL K 26 8.68 25.33 -26.96
N LYS K 27 9.96 25.34 -27.28
CA LYS K 27 10.44 25.88 -28.55
C LYS K 27 10.36 24.76 -29.57
N TRP K 28 9.40 24.88 -30.48
CA TRP K 28 9.19 23.86 -31.50
C TRP K 28 10.26 24.00 -32.57
N SER K 29 10.89 22.89 -32.92
CA SER K 29 11.91 22.89 -33.95
C SER K 29 11.24 23.11 -35.31
N GLY K 30 11.71 24.10 -36.06
CA GLY K 30 11.14 24.40 -37.37
C GLY K 30 10.12 25.54 -37.31
N PHE K 31 9.98 26.14 -36.13
CA PHE K 31 9.14 27.32 -35.96
C PHE K 31 9.89 28.39 -35.15
N PRO K 32 9.50 29.67 -35.30
CA PRO K 32 10.16 30.73 -34.55
C PRO K 32 9.55 30.94 -33.16
N ASN K 33 10.14 31.82 -32.36
CA ASN K 33 9.72 31.94 -30.97
C ASN K 33 8.28 32.42 -30.76
N GLU K 34 7.71 33.05 -31.78
CA GLU K 34 6.32 33.53 -31.73
C GLU K 34 5.38 32.35 -31.51
N ASN K 35 5.80 31.19 -31.99
CA ASN K 35 4.97 29.99 -31.94
C ASN K 35 5.22 29.14 -30.71
N ASN K 36 6.08 29.61 -29.81
CA ASN K 36 6.35 28.87 -28.57
C ASN K 36 5.07 28.62 -27.79
N THR K 37 4.93 27.42 -27.25
CA THR K 37 3.73 27.12 -26.47
C THR K 37 4.05 26.56 -25.10
N TRP K 38 3.21 26.90 -24.14
CA TRP K 38 3.21 26.26 -22.82
C TRP K 38 2.47 24.95 -22.93
N GLU K 39 3.18 23.86 -22.69
CA GLU K 39 2.59 22.54 -22.81
C GLU K 39 2.57 21.83 -21.46
N PRO K 40 1.51 21.08 -21.19
CA PRO K 40 1.46 20.31 -19.95
C PRO K 40 2.58 19.29 -19.95
N LEU K 41 3.02 18.96 -18.74
CA LEU K 41 4.16 18.08 -18.57
C LEU K 41 3.83 16.68 -19.13
N GLU K 42 2.55 16.33 -19.11
CA GLU K 42 2.08 15.05 -19.61
C GLU K 42 2.30 14.92 -21.12
N ASN K 43 2.34 16.05 -21.81
CA ASN K 43 2.45 16.09 -23.28
C ASN K 43 3.85 15.84 -23.81
N VAL K 44 4.82 15.92 -22.92
CA VAL K 44 6.18 16.22 -23.30
C VAL K 44 7.10 15.00 -23.07
N GLY K 45 6.46 13.84 -22.84
CA GLY K 45 7.16 12.60 -22.55
C GLY K 45 8.22 12.16 -23.56
N ASN K 46 7.99 12.45 -24.84
CA ASN K 46 8.93 12.01 -25.86
C ASN K 46 10.11 12.96 -26.09
N CYS K 47 10.27 13.95 -25.20
CA CYS K 47 11.43 14.83 -25.25
C CYS K 47 12.01 15.07 -23.85
N MET K 48 11.98 14.00 -23.05
CA MET K 48 12.39 14.11 -21.66
C MET K 48 13.84 14.54 -21.48
N LYS K 49 14.72 14.11 -22.37
CA LYS K 49 16.10 14.55 -22.31
C LYS K 49 16.20 16.06 -22.41
N LEU K 50 15.43 16.65 -23.32
CA LEU K 50 15.42 18.11 -23.44
C LEU K 50 14.90 18.76 -22.16
N VAL K 51 13.91 18.12 -21.55
CA VAL K 51 13.40 18.60 -20.28
C VAL K 51 14.52 18.51 -19.23
N SER K 52 15.28 17.42 -19.26
CA SER K 52 16.29 17.21 -18.23
C SER K 52 17.37 18.28 -18.32
N ASP K 53 17.85 18.51 -19.55
CA ASP K 53 18.77 19.62 -19.83
C ASP K 53 18.31 20.88 -19.15
N PHE K 54 17.04 21.23 -19.34
CA PHE K 54 16.54 22.48 -18.81
C PHE K 54 16.63 22.49 -17.28
N GLU K 55 16.15 21.41 -16.68
CA GLU K 55 16.16 21.29 -15.23
C GLU K 55 17.58 21.17 -14.71
N SER K 56 18.51 20.70 -15.55
CA SER K 56 19.88 20.64 -15.10
C SER K 56 20.40 22.07 -14.98
N GLU K 57 20.11 22.88 -16.00
CA GLU K 57 20.60 24.25 -15.97
C GLU K 57 20.03 25.02 -14.78
N VAL K 58 18.72 24.89 -14.56
CA VAL K 58 18.13 25.54 -13.39
C VAL K 58 18.87 25.10 -12.12
N PHE K 59 19.04 23.78 -11.98
CA PHE K 59 19.62 23.27 -10.76
C PHE K 59 21.00 23.88 -10.59
N ARG K 60 21.76 23.96 -11.70
CA ARG K 60 23.11 24.48 -11.64
C ARG K 60 23.08 25.93 -11.20
N LEU K 61 22.16 26.72 -11.75
CA LEU K 61 22.10 28.11 -11.34
C LEU K 61 21.61 28.18 -9.90
N HIS K 62 20.72 27.26 -9.51
CA HIS K 62 20.27 27.26 -8.12
C HIS K 62 21.48 27.00 -7.22
N ARG K 63 22.47 26.29 -7.78
CA ARG K 63 23.86 26.36 -7.36
C ARG K 63 24.06 25.59 -6.10
N LYS K 64 23.50 24.37 -6.07
CA LYS K 64 23.44 23.58 -4.84
C LYS K 64 24.63 22.65 -4.60
N ALA K 65 25.41 22.95 -3.56
CA ALA K 65 26.50 22.09 -3.09
C ALA K 65 27.07 22.57 -1.75
N GLN L 5 12.96 14.73 -28.23
CA GLN L 5 12.85 15.22 -29.59
C GLN L 5 11.42 15.62 -29.93
N THR L 6 10.44 14.92 -29.37
CA THR L 6 9.07 15.01 -29.84
C THR L 6 8.05 15.39 -28.74
N ALA L 7 6.99 16.11 -29.11
CA ALA L 7 5.92 16.48 -28.18
C ALA L 7 4.60 16.79 -28.89
N ARG L 8 3.50 16.49 -28.22
CA ARG L 8 2.19 16.83 -28.75
C ARG L 8 1.84 18.26 -28.37
#